data_6FRF
#
_entry.id   6FRF
#
_cell.length_a   54.644
_cell.length_b   93.882
_cell.length_c   62.531
_cell.angle_alpha   90.00
_cell.angle_beta   94.22
_cell.angle_gamma   90.00
#
_symmetry.space_group_name_H-M   'P 1 21 1'
#
loop_
_entity.id
_entity.type
_entity.pdbx_description
1 polymer 'CREB-binding protein'
2 non-polymer ~{N}-[3-(3,5-dimethyl-1,2-oxazol-4-yl)-5-(5-ethanoyl-2-ethoxy-phenyl)phenyl]furan-2-carboxamide
3 water water
#
_entity_poly.entity_id   1
_entity_poly.type   'polypeptide(L)'
_entity_poly.pdbx_seq_one_letter_code
;SMRKKIFKPEELRQALMPTLEALYRQDPESLPFRQPVDPQLLGIPDYFDIVKNPMDLSTIKRKLDTGQYQEPWQYVDDVW
LMFNNAWLYNRKTSRVYKFCSKLAEVFEQEIDPVMQSLG
;
_entity_poly.pdbx_strand_id   A,B,C,D
#
loop_
_chem_comp.id
_chem_comp.type
_chem_comp.name
_chem_comp.formula
E3T non-polymer ~{N}-[3-(3,5-dimethyl-1,2-oxazol-4-yl)-5-(5-ethanoyl-2-ethoxy-phenyl)phenyl]furan-2-carboxamide 'C26 H24 N2 O5'
#
# COMPACT_ATOMS: atom_id res chain seq x y z
N MET A 2 20.33 23.78 13.07
CA MET A 2 20.90 25.07 12.65
C MET A 2 21.21 25.03 11.16
N ARG A 3 20.15 25.04 10.37
CA ARG A 3 20.22 24.66 8.97
C ARG A 3 20.68 25.79 8.05
N LYS A 4 20.89 27.01 8.53
CA LYS A 4 21.32 28.07 7.64
C LYS A 4 22.83 28.16 7.50
N LYS A 5 23.57 27.29 8.19
CA LYS A 5 24.99 27.17 7.94
C LYS A 5 25.24 26.47 6.61
N ILE A 6 26.08 27.07 5.77
CA ILE A 6 26.32 26.60 4.41
C ILE A 6 27.46 25.59 4.40
N PHE A 7 27.25 24.48 3.70
CA PHE A 7 28.27 23.47 3.45
C PHE A 7 28.81 23.66 2.04
N LYS A 8 30.01 23.15 1.81
CA LYS A 8 30.60 23.19 0.47
C LYS A 8 29.96 22.12 -0.41
N PRO A 9 29.57 22.43 -1.64
CA PRO A 9 28.89 21.43 -2.48
C PRO A 9 29.70 20.16 -2.70
N GLU A 10 31.03 20.28 -2.79
CA GLU A 10 31.88 19.11 -2.97
C GLU A 10 31.83 18.18 -1.77
N GLU A 11 31.83 18.75 -0.56
CA GLU A 11 31.75 17.93 0.64
C GLU A 11 30.40 17.25 0.78
N LEU A 12 29.31 17.97 0.46
CA LEU A 12 27.99 17.37 0.51
C LEU A 12 27.88 16.21 -0.46
N ARG A 13 28.38 16.41 -1.69
CA ARG A 13 28.34 15.36 -2.69
C ARG A 13 29.08 14.12 -2.22
N GLN A 14 30.28 14.31 -1.66
CA GLN A 14 31.11 13.19 -1.25
C GLN A 14 30.47 12.39 -0.12
N ALA A 15 29.83 13.07 0.83
CA ALA A 15 29.22 12.35 1.95
C ALA A 15 27.86 11.77 1.59
N LEU A 16 27.06 12.46 0.80
CA LEU A 16 25.67 12.05 0.59
C LEU A 16 25.47 11.15 -0.62
N MET A 17 26.32 11.27 -1.65
CA MET A 17 26.12 10.46 -2.85
C MET A 17 26.14 8.96 -2.60
N PRO A 18 27.01 8.40 -1.73
CA PRO A 18 26.91 6.95 -1.47
C PRO A 18 25.55 6.50 -0.95
N THR A 19 24.84 7.33 -0.20
CA THR A 19 23.49 6.94 0.20
C THR A 19 22.53 6.95 -1.00
N LEU A 20 22.73 7.87 -1.95
CA LEU A 20 21.87 7.84 -3.14
C LEU A 20 22.18 6.61 -4.01
N GLU A 21 23.47 6.27 -4.13
CA GLU A 21 23.85 5.11 -4.92
C GLU A 21 23.29 3.81 -4.34
N ALA A 22 23.17 3.75 -3.00
CA ALA A 22 22.57 2.58 -2.35
C ALA A 22 21.11 2.40 -2.77
N LEU A 23 20.37 3.50 -2.91
CA LEU A 23 19.01 3.39 -3.43
C LEU A 23 19.02 2.86 -4.86
N TYR A 24 19.82 3.49 -5.73
CA TYR A 24 19.93 3.03 -7.12
C TYR A 24 20.28 1.56 -7.23
N ARG A 25 21.07 1.03 -6.28
CA ARG A 25 21.48 -0.37 -6.35
C ARG A 25 20.31 -1.34 -6.10
N GLN A 26 19.24 -0.88 -5.48
CA GLN A 26 18.07 -1.71 -5.21
C GLN A 26 17.34 -2.01 -6.51
N ASP A 27 17.40 -3.27 -6.96
CA ASP A 27 16.72 -3.73 -8.16
C ASP A 27 15.82 -4.88 -7.77
N PRO A 28 14.52 -4.82 -8.07
CA PRO A 28 13.87 -3.82 -8.90
C PRO A 28 13.29 -2.63 -8.15
N GLU A 29 13.56 -2.53 -6.84
CA GLU A 29 12.81 -1.59 -6.01
C GLU A 29 12.98 -0.14 -6.45
N SER A 30 14.17 0.25 -6.94
CA SER A 30 14.37 1.65 -7.32
C SER A 30 13.83 1.98 -8.72
N LEU A 31 13.50 0.97 -9.53
CA LEU A 31 13.10 1.24 -10.91
C LEU A 31 11.97 2.26 -11.06
N PRO A 32 10.92 2.25 -10.24
CA PRO A 32 9.87 3.28 -10.39
C PRO A 32 10.34 4.68 -10.02
N PHE A 33 11.50 4.82 -9.36
CA PHE A 33 11.97 6.10 -8.86
C PHE A 33 13.19 6.66 -9.59
N ARG A 34 13.69 5.98 -10.62
CA ARG A 34 14.89 6.45 -11.31
C ARG A 34 14.65 7.60 -12.28
N GLN A 35 13.41 7.93 -12.58
CA GLN A 35 13.11 9.04 -13.48
C GLN A 35 11.87 9.74 -12.93
N PRO A 36 11.61 10.98 -13.33
CA PRO A 36 10.36 11.63 -12.89
C PRO A 36 9.16 10.83 -13.36
N VAL A 37 8.11 10.82 -12.54
CA VAL A 37 6.83 10.25 -12.94
C VAL A 37 6.32 10.96 -14.19
N ASP A 38 6.08 10.17 -15.27
CA ASP A 38 5.48 10.66 -16.50
C ASP A 38 4.03 10.18 -16.51
N PRO A 39 3.07 11.03 -16.14
CA PRO A 39 1.68 10.54 -16.03
C PRO A 39 1.10 10.06 -17.34
N GLN A 40 1.50 10.64 -18.48
CA GLN A 40 1.05 10.11 -19.76
C GLN A 40 1.59 8.71 -19.99
N LEU A 41 2.90 8.54 -19.78
CA LEU A 41 3.53 7.25 -20.02
C LEU A 41 2.87 6.15 -19.18
N LEU A 42 2.48 6.49 -17.95
CA LEU A 42 2.01 5.54 -16.95
C LEU A 42 0.49 5.44 -16.91
N GLY A 43 -0.21 6.24 -17.69
CA GLY A 43 -1.66 6.17 -17.73
C GLY A 43 -2.35 6.66 -16.49
N ILE A 44 -1.79 7.67 -15.81
CA ILE A 44 -2.35 8.15 -14.56
C ILE A 44 -2.53 9.66 -14.65
N PRO A 45 -3.48 10.14 -15.45
CA PRO A 45 -3.58 11.59 -15.69
C PRO A 45 -3.85 12.41 -14.45
N ASP A 46 -4.21 11.79 -13.34
CA ASP A 46 -4.48 12.60 -12.15
C ASP A 46 -3.25 12.81 -11.29
N TYR A 47 -2.08 12.31 -11.70
CA TYR A 47 -0.91 12.32 -10.81
C TYR A 47 -0.61 13.72 -10.30
N PHE A 48 -0.50 14.70 -11.20
CA PHE A 48 -0.12 16.04 -10.76
C PHE A 48 -1.24 16.74 -10.00
N ASP A 49 -2.46 16.18 -10.02
CA ASP A 49 -3.51 16.70 -9.15
C ASP A 49 -3.27 16.32 -7.71
N ILE A 50 -2.70 15.15 -7.47
CA ILE A 50 -2.45 14.67 -6.11
C ILE A 50 -1.06 15.06 -5.64
N VAL A 51 -0.05 14.99 -6.50
CA VAL A 51 1.34 15.16 -6.12
C VAL A 51 1.76 16.54 -6.58
N LYS A 52 1.82 17.48 -5.64
CA LYS A 52 2.06 18.87 -6.02
C LYS A 52 3.55 19.19 -6.20
N ASN A 53 4.44 18.46 -5.56
CA ASN A 53 5.89 18.67 -5.69
C ASN A 53 6.56 17.35 -6.03
N PRO A 54 6.58 16.97 -7.31
CA PRO A 54 7.18 15.69 -7.69
C PRO A 54 8.68 15.66 -7.41
N MET A 55 9.19 14.47 -7.14
CA MET A 55 10.61 14.32 -6.83
C MET A 55 10.99 12.88 -7.16
N ASP A 56 12.23 12.70 -7.60
CA ASP A 56 12.70 11.36 -7.94
C ASP A 56 14.22 11.32 -7.82
N LEU A 57 14.78 10.12 -8.03
CA LEU A 57 16.22 9.93 -7.83
C LEU A 57 17.06 10.75 -8.81
N SER A 58 16.60 10.89 -10.05
CA SER A 58 17.44 11.58 -11.03
C SER A 58 17.49 13.07 -10.72
N THR A 59 16.39 13.65 -10.20
CA THR A 59 16.40 15.06 -9.85
C THR A 59 17.29 15.30 -8.63
N ILE A 60 17.14 14.46 -7.61
CA ILE A 60 18.02 14.55 -6.44
C ILE A 60 19.48 14.44 -6.85
N LYS A 61 19.77 13.47 -7.72
CA LYS A 61 21.14 13.26 -8.16
C LYS A 61 21.67 14.49 -8.90
N ARG A 62 20.84 15.07 -9.75
CA ARG A 62 21.24 16.30 -10.43
C ARG A 62 21.51 17.42 -9.44
N LYS A 63 20.63 17.59 -8.45
CA LYS A 63 20.84 18.68 -7.50
C LYS A 63 22.14 18.46 -6.74
N LEU A 64 22.45 17.21 -6.40
CA LEU A 64 23.69 16.89 -5.74
C LEU A 64 24.88 17.15 -6.65
N ASP A 65 24.79 16.75 -7.92
CA ASP A 65 25.91 16.90 -8.83
C ASP A 65 26.18 18.35 -9.19
N THR A 66 25.16 19.22 -9.13
CA THR A 66 25.34 20.62 -9.52
C THR A 66 25.40 21.55 -8.32
N GLY A 67 25.48 21.02 -7.10
CA GLY A 67 25.66 21.88 -5.95
C GLY A 67 24.44 22.69 -5.57
N GLN A 68 23.25 22.16 -5.80
CA GLN A 68 22.05 22.93 -5.48
C GLN A 68 21.62 22.79 -4.02
N TYR A 69 22.13 21.82 -3.29
CA TYR A 69 21.87 21.74 -1.86
C TYR A 69 22.91 22.57 -1.10
N GLN A 70 22.45 23.45 -0.22
CA GLN A 70 23.37 24.21 0.63
C GLN A 70 23.67 23.51 1.95
N GLU A 71 22.85 22.55 2.38
CA GLU A 71 23.09 21.85 3.64
C GLU A 71 22.36 20.51 3.57
N PRO A 72 22.81 19.51 4.34
CA PRO A 72 22.44 18.12 4.04
C PRO A 72 20.98 17.77 4.30
N TRP A 73 20.28 18.45 5.22
CA TRP A 73 18.87 18.13 5.43
C TRP A 73 18.00 18.50 4.23
N GLN A 74 18.46 19.44 3.39
CA GLN A 74 17.75 19.69 2.13
C GLN A 74 17.74 18.46 1.24
N TYR A 75 18.86 17.72 1.21
CA TYR A 75 18.92 16.45 0.51
C TYR A 75 17.97 15.45 1.16
N VAL A 76 18.02 15.34 2.49
CA VAL A 76 17.15 14.42 3.22
C VAL A 76 15.70 14.76 2.97
N ASP A 77 15.37 16.06 2.91
CA ASP A 77 14.02 16.50 2.61
C ASP A 77 13.54 15.98 1.24
N ASP A 78 14.39 16.10 0.22
CA ASP A 78 13.99 15.67 -1.13
C ASP A 78 13.79 14.17 -1.16
N VAL A 79 14.66 13.40 -0.51
CA VAL A 79 14.49 11.96 -0.48
C VAL A 79 13.13 11.61 0.14
N TRP A 80 12.81 12.16 1.32
CA TRP A 80 11.52 11.83 1.92
C TRP A 80 10.37 12.38 1.10
N LEU A 81 10.56 13.52 0.43
CA LEU A 81 9.52 14.01 -0.47
C LEU A 81 9.23 12.98 -1.56
N MET A 82 10.29 12.40 -2.14
CA MET A 82 10.10 11.34 -3.13
C MET A 82 9.27 10.19 -2.56
N PHE A 83 9.62 9.72 -1.36
CA PHE A 83 8.93 8.56 -0.80
C PHE A 83 7.52 8.93 -0.37
N ASN A 84 7.36 10.12 0.21
CA ASN A 84 6.03 10.56 0.61
C ASN A 84 5.09 10.64 -0.59
N ASN A 85 5.56 11.25 -1.70
CA ASN A 85 4.75 11.33 -2.92
C ASN A 85 4.22 9.95 -3.29
N ALA A 86 5.09 8.95 -3.29
CA ALA A 86 4.69 7.61 -3.70
C ALA A 86 3.73 6.98 -2.69
N TRP A 87 4.00 7.13 -1.39
CA TRP A 87 3.07 6.63 -0.37
C TRP A 87 1.73 7.35 -0.43
N LEU A 88 1.75 8.63 -0.83
CA LEU A 88 0.51 9.39 -0.97
C LEU A 88 -0.27 8.94 -2.20
N TYR A 89 0.42 8.78 -3.34
CA TYR A 89 -0.29 8.55 -4.59
C TYR A 89 -0.71 7.09 -4.76
N ASN A 90 0.13 6.14 -4.40
CA ASN A 90 -0.14 4.76 -4.74
C ASN A 90 -0.91 4.05 -3.63
N ARG A 91 -1.71 3.07 -4.03
CA ARG A 91 -2.46 2.28 -3.07
C ARG A 91 -1.52 1.47 -2.19
N LYS A 92 -1.91 1.30 -0.93
CA LYS A 92 -1.09 0.55 0.02
C LYS A 92 -0.86 -0.88 -0.42
N THR A 93 -1.75 -1.41 -1.26
CA THR A 93 -1.63 -2.78 -1.75
C THR A 93 -0.85 -2.89 -3.06
N SER A 94 -0.35 -1.78 -3.61
CA SER A 94 0.30 -1.81 -4.92
C SER A 94 1.79 -2.16 -4.83
N ARG A 95 2.33 -2.60 -5.97
CA ARG A 95 3.75 -2.88 -6.07
C ARG A 95 4.61 -1.64 -5.81
N VAL A 96 4.20 -0.48 -6.33
CA VAL A 96 5.04 0.70 -6.15
C VAL A 96 5.11 1.08 -4.68
N TYR A 97 3.97 1.07 -3.99
CA TYR A 97 3.97 1.33 -2.55
C TYR A 97 4.93 0.42 -1.84
N LYS A 98 4.94 -0.87 -2.22
CA LYS A 98 5.82 -1.85 -1.59
C LYS A 98 7.28 -1.53 -1.87
N PHE A 99 7.60 -1.22 -3.12
CA PHE A 99 8.96 -0.85 -3.46
C PHE A 99 9.39 0.39 -2.69
N CYS A 100 8.49 1.37 -2.55
CA CYS A 100 8.77 2.57 -1.78
C CYS A 100 9.15 2.22 -0.34
N SER A 101 8.35 1.37 0.32
CA SER A 101 8.63 1.00 1.70
C SER A 101 9.98 0.32 1.81
N LYS A 102 10.32 -0.54 0.85
CA LYS A 102 11.63 -1.20 0.90
C LYS A 102 12.76 -0.19 0.73
N LEU A 103 12.66 0.65 -0.30
CA LEU A 103 13.70 1.66 -0.57
C LEU A 103 13.85 2.62 0.60
N ALA A 104 12.74 3.03 1.21
CA ALA A 104 12.84 3.91 2.37
C ALA A 104 13.59 3.23 3.52
N GLU A 105 13.44 1.91 3.65
CA GLU A 105 14.16 1.16 4.69
C GLU A 105 15.66 1.20 4.44
N VAL A 106 16.07 0.98 3.20
CA VAL A 106 17.49 1.09 2.88
C VAL A 106 18.01 2.49 3.19
N PHE A 107 17.24 3.52 2.83
CA PHE A 107 17.71 4.89 3.02
C PHE A 107 17.91 5.21 4.50
N GLU A 108 16.94 4.84 5.36
CA GLU A 108 17.06 5.09 6.80
C GLU A 108 18.35 4.51 7.36
N GLN A 109 18.64 3.25 7.01
CA GLN A 109 19.90 2.63 7.41
C GLN A 109 21.09 3.46 6.94
N GLU A 110 21.15 3.79 5.64
CA GLU A 110 22.34 4.42 5.09
C GLU A 110 22.52 5.85 5.61
N ILE A 111 21.43 6.60 5.78
CA ILE A 111 21.59 8.04 6.00
C ILE A 111 22.04 8.36 7.43
N ASP A 112 21.71 7.51 8.41
CA ASP A 112 21.86 7.93 9.80
C ASP A 112 23.32 8.14 10.19
N PRO A 113 24.24 7.19 9.98
CA PRO A 113 25.64 7.47 10.35
C PRO A 113 26.27 8.58 9.51
N VAL A 114 25.87 8.73 8.25
CA VAL A 114 26.37 9.82 7.42
C VAL A 114 25.95 11.16 8.02
N MET A 115 24.67 11.30 8.36
CA MET A 115 24.24 12.55 8.97
C MET A 115 24.89 12.73 10.34
N GLN A 116 25.10 11.64 11.09
CA GLN A 116 25.81 11.74 12.36
C GLN A 116 27.22 12.30 12.14
N SER A 117 27.90 11.85 11.10
CA SER A 117 29.26 12.32 10.85
C SER A 117 29.32 13.72 10.26
N LEU A 118 28.18 14.33 9.90
CA LEU A 118 28.19 15.69 9.37
C LEU A 118 27.73 16.73 10.37
N GLY A 119 27.33 16.34 11.58
CA GLY A 119 26.76 17.28 12.54
C GLY A 119 27.58 17.48 13.81
N ILE B 6 -35.32 -2.82 2.72
CA ILE B 6 -34.14 -1.98 2.72
C ILE B 6 -33.66 -1.78 4.15
N PHE B 7 -32.34 -1.65 4.32
CA PHE B 7 -31.74 -1.45 5.64
C PHE B 7 -31.09 -0.08 5.72
N LYS B 8 -31.41 0.67 6.77
CA LYS B 8 -30.83 1.98 7.00
C LYS B 8 -29.45 1.85 7.64
N PRO B 9 -28.52 2.74 7.30
CA PRO B 9 -27.15 2.62 7.82
C PRO B 9 -27.07 2.47 9.34
N GLU B 10 -27.81 3.29 10.09
CA GLU B 10 -27.75 3.21 11.53
C GLU B 10 -28.44 1.95 12.05
N GLU B 11 -29.38 1.40 11.27
CA GLU B 11 -29.99 0.13 11.62
C GLU B 11 -28.95 -1.00 11.56
N LEU B 12 -28.08 -0.95 10.55
CA LEU B 12 -27.01 -1.94 10.45
C LEU B 12 -26.02 -1.79 11.58
N ARG B 13 -25.57 -0.56 11.84
CA ARG B 13 -24.66 -0.31 12.96
C ARG B 13 -25.20 -0.93 14.25
N GLN B 14 -26.45 -0.65 14.59
CA GLN B 14 -26.99 -1.07 15.86
C GLN B 14 -27.08 -2.59 15.97
N ALA B 15 -27.38 -3.29 14.89
CA ALA B 15 -27.43 -4.74 14.98
C ALA B 15 -26.04 -5.36 14.86
N LEU B 16 -25.18 -4.81 14.01
CA LEU B 16 -23.97 -5.50 13.59
C LEU B 16 -22.73 -5.12 14.39
N MET B 17 -22.55 -3.84 14.72
CA MET B 17 -21.39 -3.42 15.50
C MET B 17 -21.14 -4.24 16.77
N PRO B 18 -22.14 -4.63 17.55
CA PRO B 18 -21.85 -5.49 18.70
C PRO B 18 -21.15 -6.78 18.34
N THR B 19 -21.47 -7.37 17.17
CA THR B 19 -20.76 -8.57 16.76
C THR B 19 -19.30 -8.28 16.41
N LEU B 20 -19.01 -7.09 15.86
CA LEU B 20 -17.63 -6.73 15.58
C LEU B 20 -16.85 -6.44 16.86
N GLU B 21 -17.49 -5.76 17.82
CA GLU B 21 -16.86 -5.52 19.12
C GLU B 21 -16.52 -6.82 19.83
N ALA B 22 -17.36 -7.84 19.65
CA ALA B 22 -17.08 -9.14 20.27
C ALA B 22 -15.79 -9.72 19.74
N LEU B 23 -15.43 -9.41 18.50
CA LEU B 23 -14.14 -9.80 17.97
C LEU B 23 -13.01 -8.93 18.53
N TYR B 24 -13.21 -7.61 18.57
CA TYR B 24 -12.21 -6.72 19.17
C TYR B 24 -11.90 -7.13 20.61
N ARG B 25 -12.91 -7.58 21.35
CA ARG B 25 -12.66 -7.92 22.74
C ARG B 25 -11.79 -9.17 22.88
N GLN B 26 -11.69 -10.01 21.86
CA GLN B 26 -10.78 -11.15 21.95
C GLN B 26 -9.33 -10.67 21.94
N ASP B 27 -8.61 -10.90 23.03
CA ASP B 27 -7.23 -10.45 23.25
C ASP B 27 -6.47 -11.65 23.77
N PRO B 28 -5.42 -12.12 23.07
CA PRO B 28 -4.76 -11.47 21.94
C PRO B 28 -5.32 -11.82 20.57
N GLU B 29 -6.41 -12.61 20.47
CA GLU B 29 -6.75 -13.21 19.19
C GLU B 29 -7.11 -12.18 18.13
N SER B 30 -7.58 -10.99 18.51
CA SER B 30 -7.93 -9.98 17.52
C SER B 30 -6.76 -9.08 17.13
N LEU B 31 -5.66 -9.12 17.87
CA LEU B 31 -4.51 -8.26 17.58
C LEU B 31 -3.99 -8.37 16.14
N PRO B 32 -3.91 -9.54 15.50
CA PRO B 32 -3.43 -9.56 14.10
C PRO B 32 -4.38 -8.89 13.11
N PHE B 33 -5.59 -8.53 13.52
CA PHE B 33 -6.65 -8.16 12.60
C PHE B 33 -7.16 -6.74 12.79
N ARG B 34 -6.56 -5.95 13.70
CA ARG B 34 -7.12 -4.65 14.07
C ARG B 34 -6.74 -3.54 13.10
N GLN B 35 -5.73 -3.74 12.26
CA GLN B 35 -5.31 -2.79 11.25
C GLN B 35 -4.97 -3.55 9.98
N PRO B 36 -4.98 -2.90 8.82
CA PRO B 36 -4.60 -3.59 7.58
C PRO B 36 -3.16 -4.06 7.67
N VAL B 37 -2.89 -5.22 7.08
CA VAL B 37 -1.52 -5.73 7.06
C VAL B 37 -0.65 -4.80 6.23
N ASP B 38 0.48 -4.38 6.79
CA ASP B 38 1.54 -3.69 6.04
C ASP B 38 2.65 -4.70 5.86
N PRO B 39 2.75 -5.34 4.69
CA PRO B 39 3.68 -6.48 4.57
C PRO B 39 5.13 -6.11 4.86
N GLN B 40 5.58 -4.93 4.44
CA GLN B 40 6.98 -4.55 4.68
C GLN B 40 7.25 -4.31 6.16
N LEU B 41 6.38 -3.54 6.83
CA LEU B 41 6.57 -3.29 8.26
C LEU B 41 6.60 -4.58 9.06
N LEU B 42 5.75 -5.54 8.72
CA LEU B 42 5.65 -6.79 9.48
C LEU B 42 6.62 -7.86 9.01
N GLY B 43 7.45 -7.58 8.02
CA GLY B 43 8.42 -8.56 7.59
C GLY B 43 7.83 -9.73 6.82
N ILE B 44 6.67 -9.55 6.20
CA ILE B 44 6.04 -10.61 5.39
C ILE B 44 5.76 -10.05 4.00
N PRO B 45 6.79 -9.74 3.21
CA PRO B 45 6.56 -8.95 1.98
C PRO B 45 5.85 -9.71 0.87
N ASP B 46 5.76 -11.04 0.94
CA ASP B 46 4.99 -11.79 -0.04
C ASP B 46 3.48 -11.73 0.20
N TYR B 47 3.01 -10.98 1.18
CA TYR B 47 1.60 -11.09 1.59
C TYR B 47 0.64 -10.86 0.42
N PHE B 48 0.82 -9.79 -0.34
CA PHE B 48 -0.13 -9.50 -1.40
C PHE B 48 0.06 -10.41 -2.63
N ASP B 49 1.14 -11.19 -2.68
CA ASP B 49 1.19 -12.26 -3.65
C ASP B 49 0.09 -13.28 -3.39
N ILE B 50 -0.32 -13.43 -2.13
CA ILE B 50 -1.24 -14.47 -1.71
C ILE B 50 -2.65 -13.93 -1.50
N VAL B 51 -2.77 -12.76 -0.86
CA VAL B 51 -4.05 -12.19 -0.49
C VAL B 51 -4.39 -11.08 -1.48
N LYS B 52 -5.37 -11.35 -2.36
CA LYS B 52 -5.74 -10.38 -3.38
C LYS B 52 -6.84 -9.41 -2.95
N ASN B 53 -7.61 -9.72 -1.92
CA ASN B 53 -8.66 -8.83 -1.41
C ASN B 53 -8.50 -8.71 0.10
N PRO B 54 -7.56 -7.88 0.57
CA PRO B 54 -7.33 -7.79 2.02
C PRO B 54 -8.55 -7.24 2.73
N MET B 55 -8.66 -7.57 4.01
CA MET B 55 -9.76 -7.11 4.84
C MET B 55 -9.33 -7.22 6.30
N ASP B 56 -9.79 -6.28 7.11
CA ASP B 56 -9.43 -6.28 8.52
C ASP B 56 -10.52 -5.55 9.28
N LEU B 57 -10.46 -5.66 10.61
CA LEU B 57 -11.49 -5.09 11.47
C LEU B 57 -11.65 -3.59 11.26
N SER B 58 -10.54 -2.85 11.12
CA SER B 58 -10.65 -1.40 11.01
C SER B 58 -11.40 -1.01 9.74
N THR B 59 -11.13 -1.70 8.63
CA THR B 59 -11.86 -1.45 7.39
C THR B 59 -13.34 -1.77 7.52
N ILE B 60 -13.66 -2.87 8.19
CA ILE B 60 -15.06 -3.25 8.38
C ILE B 60 -15.75 -2.24 9.30
N LYS B 61 -15.07 -1.84 10.39
CA LYS B 61 -15.63 -0.84 11.28
C LYS B 61 -15.90 0.45 10.52
N ARG B 62 -14.92 0.89 9.72
CA ARG B 62 -15.09 2.12 8.96
C ARG B 62 -16.31 2.03 8.04
N LYS B 63 -16.49 0.88 7.37
CA LYS B 63 -17.62 0.73 6.46
C LYS B 63 -18.94 0.80 7.20
N LEU B 64 -19.02 0.17 8.37
CA LEU B 64 -20.22 0.28 9.19
C LEU B 64 -20.45 1.73 9.63
N ASP B 65 -19.37 2.45 9.94
CA ASP B 65 -19.50 3.83 10.40
C ASP B 65 -20.03 4.72 9.27
N THR B 66 -19.39 4.67 8.11
CA THR B 66 -19.76 5.50 6.98
C THR B 66 -20.85 4.88 6.10
N GLY B 67 -21.67 4.00 6.68
CA GLY B 67 -22.81 3.39 6.01
C GLY B 67 -22.58 2.80 4.63
N GLN B 68 -21.50 2.04 4.45
CA GLN B 68 -21.18 1.51 3.13
C GLN B 68 -21.79 0.13 2.85
N TYR B 69 -22.47 -0.48 3.81
CA TYR B 69 -23.20 -1.73 3.57
C TYR B 69 -24.68 -1.42 3.35
N GLN B 70 -25.29 -2.16 2.42
CA GLN B 70 -26.72 -2.04 2.19
C GLN B 70 -27.51 -3.20 2.78
N GLU B 71 -26.92 -4.39 2.84
CA GLU B 71 -27.57 -5.55 3.42
C GLU B 71 -26.62 -6.24 4.39
N PRO B 72 -27.15 -6.79 5.48
CA PRO B 72 -26.28 -7.47 6.46
C PRO B 72 -25.29 -8.46 5.88
N TRP B 73 -25.67 -9.20 4.83
CA TRP B 73 -24.78 -10.24 4.32
C TRP B 73 -23.50 -9.68 3.72
N GLN B 74 -23.49 -8.40 3.36
CA GLN B 74 -22.25 -7.78 2.89
C GLN B 74 -21.26 -7.61 4.02
N TYR B 75 -21.75 -7.23 5.20
CA TYR B 75 -20.92 -7.21 6.40
C TYR B 75 -20.40 -8.62 6.69
N VAL B 76 -21.29 -9.61 6.66
CA VAL B 76 -20.90 -10.98 6.98
C VAL B 76 -19.83 -11.47 6.01
N ASP B 77 -19.93 -11.09 4.74
CA ASP B 77 -18.95 -11.51 3.75
C ASP B 77 -17.58 -10.92 4.03
N ASP B 78 -17.53 -9.63 4.39
CA ASP B 78 -16.25 -9.01 4.72
C ASP B 78 -15.58 -9.70 5.89
N VAL B 79 -16.35 -10.07 6.92
CA VAL B 79 -15.80 -10.74 8.08
C VAL B 79 -15.18 -12.07 7.67
N TRP B 80 -15.91 -12.85 6.85
CA TRP B 80 -15.38 -14.14 6.42
C TRP B 80 -14.24 -13.98 5.43
N LEU B 81 -14.24 -12.90 4.66
CA LEU B 81 -13.10 -12.62 3.79
C LEU B 81 -11.84 -12.43 4.64
N MET B 82 -11.96 -11.65 5.71
CA MET B 82 -10.86 -11.48 6.65
C MET B 82 -10.38 -12.81 7.20
N PHE B 83 -11.31 -13.64 7.70
CA PHE B 83 -10.96 -14.94 8.24
C PHE B 83 -10.26 -15.79 7.19
N ASN B 84 -10.84 -15.87 6.00
CA ASN B 84 -10.30 -16.75 4.97
C ASN B 84 -8.97 -16.24 4.43
N ASN B 85 -8.75 -14.93 4.41
CA ASN B 85 -7.42 -14.40 4.10
C ASN B 85 -6.37 -14.97 5.05
N ALA B 86 -6.64 -14.96 6.35
CA ALA B 86 -5.62 -15.40 7.30
C ALA B 86 -5.45 -16.92 7.29
N TRP B 87 -6.55 -17.66 7.10
CA TRP B 87 -6.42 -19.11 6.94
C TRP B 87 -5.64 -19.48 5.68
N LEU B 88 -5.79 -18.68 4.61
CA LEU B 88 -5.00 -18.89 3.41
C LEU B 88 -3.53 -18.57 3.63
N TYR B 89 -3.24 -17.39 4.20
CA TYR B 89 -1.87 -16.92 4.23
C TYR B 89 -1.03 -17.64 5.28
N ASN B 90 -1.59 -17.92 6.45
CA ASN B 90 -0.81 -18.40 7.59
C ASN B 90 -0.85 -19.91 7.68
N ARG B 91 0.25 -20.50 8.14
CA ARG B 91 0.30 -21.95 8.27
C ARG B 91 -0.57 -22.42 9.43
N LYS B 92 -1.11 -23.64 9.30
CA LYS B 92 -2.04 -24.16 10.31
C LYS B 92 -1.42 -24.22 11.71
N THR B 93 -0.08 -24.29 11.80
CA THR B 93 0.58 -24.31 13.09
C THR B 93 0.83 -22.93 13.67
N SER B 94 0.66 -21.88 12.89
CA SER B 94 1.01 -20.54 13.34
C SER B 94 0.01 -20.01 14.34
N ARG B 95 0.47 -19.04 15.13
CA ARG B 95 -0.43 -18.41 16.11
C ARG B 95 -1.59 -17.68 15.42
N VAL B 96 -1.33 -16.99 14.30
CA VAL B 96 -2.39 -16.19 13.67
C VAL B 96 -3.48 -17.10 13.12
N TYR B 97 -3.09 -18.24 12.53
CA TYR B 97 -4.09 -19.17 12.07
C TYR B 97 -4.98 -19.62 13.23
N LYS B 98 -4.37 -19.92 14.37
CA LYS B 98 -5.16 -20.34 15.53
C LYS B 98 -6.01 -19.18 16.06
N PHE B 99 -5.42 -17.98 16.13
CA PHE B 99 -6.19 -16.81 16.55
C PHE B 99 -7.41 -16.64 15.67
N CYS B 100 -7.22 -16.83 14.36
CA CYS B 100 -8.33 -16.69 13.40
C CYS B 100 -9.45 -17.68 13.70
N SER B 101 -9.10 -18.95 13.94
CA SER B 101 -10.13 -19.94 14.25
C SER B 101 -10.93 -19.55 15.49
N LYS B 102 -10.26 -19.02 16.51
CA LYS B 102 -10.97 -18.59 17.71
C LYS B 102 -11.95 -17.47 17.39
N LEU B 103 -11.50 -16.46 16.63
CA LEU B 103 -12.38 -15.35 16.28
C LEU B 103 -13.58 -15.82 15.49
N ALA B 104 -13.36 -16.77 14.56
CA ALA B 104 -14.46 -17.30 13.77
C ALA B 104 -15.47 -18.03 14.65
N GLU B 105 -14.98 -18.81 15.63
CA GLU B 105 -15.91 -19.45 16.57
C GLU B 105 -16.71 -18.40 17.31
N VAL B 106 -16.03 -17.37 17.80
CA VAL B 106 -16.75 -16.31 18.49
C VAL B 106 -17.74 -15.65 17.54
N PHE B 107 -17.29 -15.33 16.32
CA PHE B 107 -18.18 -14.66 15.37
C PHE B 107 -19.40 -15.53 15.07
N GLU B 108 -19.21 -16.83 14.87
CA GLU B 108 -20.32 -17.72 14.56
C GLU B 108 -21.37 -17.69 15.68
N GLN B 109 -20.92 -17.84 16.93
CA GLN B 109 -21.83 -17.82 18.07
C GLN B 109 -22.58 -16.50 18.17
N GLU B 110 -21.95 -15.38 17.81
CA GLU B 110 -22.61 -14.09 17.93
C GLU B 110 -23.50 -13.76 16.73
N ILE B 111 -23.10 -14.13 15.52
CA ILE B 111 -23.76 -13.61 14.33
C ILE B 111 -25.06 -14.35 14.02
N ASP B 112 -25.12 -15.65 14.33
CA ASP B 112 -26.32 -16.43 13.98
C ASP B 112 -27.57 -15.88 14.65
N PRO B 113 -27.63 -15.65 15.96
CA PRO B 113 -28.84 -15.06 16.54
C PRO B 113 -29.13 -13.66 16.02
N VAL B 114 -28.09 -12.88 15.70
CA VAL B 114 -28.33 -11.54 15.17
C VAL B 114 -28.92 -11.61 13.77
N MET B 115 -28.48 -12.58 12.97
CA MET B 115 -28.99 -12.66 11.59
C MET B 115 -30.38 -13.27 11.55
N GLN B 116 -30.68 -14.21 12.45
CA GLN B 116 -32.03 -14.77 12.54
C GLN B 116 -33.04 -13.67 12.79
N SER B 117 -32.85 -12.91 13.88
CA SER B 117 -33.75 -11.81 14.21
C SER B 117 -33.39 -10.53 13.47
N LEU B 118 -32.97 -10.65 12.21
CA LEU B 118 -32.74 -9.50 11.35
C LEU B 118 -33.59 -9.51 10.09
N GLY B 119 -34.03 -10.68 9.62
CA GLY B 119 -34.82 -10.78 8.42
C GLY B 119 -36.16 -11.43 8.66
N ILE C 6 -14.97 23.71 35.76
CA ILE C 6 -15.66 22.43 35.75
C ILE C 6 -16.24 22.13 34.38
N PHE C 7 -15.60 21.19 33.66
CA PHE C 7 -15.99 20.82 32.31
C PHE C 7 -17.02 19.69 32.34
N LYS C 8 -17.52 19.34 31.15
CA LYS C 8 -18.40 18.20 30.97
C LYS C 8 -17.81 17.33 29.87
N PRO C 9 -17.77 16.00 30.04
CA PRO C 9 -16.93 15.17 29.17
C PRO C 9 -17.32 15.19 27.70
N GLU C 10 -18.62 15.31 27.37
CA GLU C 10 -18.99 15.36 25.97
C GLU C 10 -18.85 16.76 25.38
N GLU C 11 -18.74 17.79 26.23
CA GLU C 11 -18.24 19.07 25.75
C GLU C 11 -16.76 18.95 25.37
N LEU C 12 -15.99 18.25 26.19
CA LEU C 12 -14.60 17.98 25.87
C LEU C 12 -14.46 17.14 24.60
N ARG C 13 -15.31 16.13 24.45
CA ARG C 13 -15.20 15.26 23.29
C ARG C 13 -15.59 15.99 22.01
N GLN C 14 -16.70 16.73 22.04
CA GLN C 14 -17.10 17.52 20.87
C GLN C 14 -16.00 18.49 20.46
N ALA C 15 -15.29 19.07 21.43
CA ALA C 15 -14.24 20.02 21.10
C ALA C 15 -12.96 19.33 20.64
N LEU C 16 -12.55 18.26 21.32
CA LEU C 16 -11.21 17.71 21.12
C LEU C 16 -11.15 16.67 20.00
N MET C 17 -12.19 15.83 19.90
CA MET C 17 -12.17 14.77 18.90
C MET C 17 -11.81 15.26 17.50
N PRO C 18 -12.23 16.45 17.04
CA PRO C 18 -11.82 16.88 15.70
C PRO C 18 -10.32 17.04 15.55
N THR C 19 -9.60 17.45 16.60
CA THR C 19 -8.15 17.56 16.49
C THR C 19 -7.51 16.18 16.37
N LEU C 20 -8.08 15.19 17.06
CA LEU C 20 -7.56 13.84 16.95
C LEU C 20 -7.80 13.28 15.55
N GLU C 21 -9.03 13.40 15.06
CA GLU C 21 -9.36 12.94 13.72
C GLU C 21 -8.49 13.61 12.68
N ALA C 22 -8.16 14.89 12.89
CA ALA C 22 -7.21 15.55 12.01
C ALA C 22 -5.88 14.79 12.00
N LEU C 23 -5.47 14.26 13.14
CA LEU C 23 -4.25 13.46 13.15
C LEU C 23 -4.45 12.14 12.41
N TYR C 24 -5.61 11.49 12.61
CA TYR C 24 -5.90 10.24 11.90
C TYR C 24 -5.90 10.42 10.38
N ARG C 25 -6.28 11.61 9.88
CA ARG C 25 -6.38 11.83 8.44
C ARG C 25 -5.03 11.98 7.78
N GLN C 26 -3.96 12.23 8.53
CA GLN C 26 -2.64 12.31 7.91
C GLN C 26 -2.18 10.91 7.49
N ASP C 27 -1.92 10.74 6.20
CA ASP C 27 -1.58 9.46 5.60
C ASP C 27 -0.40 9.67 4.67
N PRO C 28 0.75 9.05 4.91
CA PRO C 28 1.04 7.98 5.85
C PRO C 28 1.46 8.39 7.28
N GLU C 29 1.43 9.68 7.65
CA GLU C 29 2.14 10.11 8.84
C GLU C 29 1.52 9.56 10.13
N SER C 30 0.23 9.28 10.14
CA SER C 30 -0.40 8.74 11.35
C SER C 30 -0.25 7.22 11.48
N LEU C 31 0.17 6.53 10.40
CA LEU C 31 0.24 5.07 10.44
C LEU C 31 1.09 4.50 11.59
N PRO C 32 2.21 5.10 11.99
CA PRO C 32 2.96 4.56 13.14
C PRO C 32 2.24 4.68 14.47
N PHE C 33 1.18 5.48 14.56
CA PHE C 33 0.61 5.88 15.83
C PHE C 33 -0.81 5.39 16.04
N ARG C 34 -1.39 4.66 15.07
CA ARG C 34 -2.80 4.31 15.15
C ARG C 34 -3.08 3.20 16.16
N GLN C 35 -2.06 2.47 16.58
CA GLN C 35 -2.20 1.38 17.53
C GLN C 35 -0.96 1.34 18.40
N PRO C 36 -1.04 0.75 19.60
CA PRO C 36 0.14 0.68 20.46
C PRO C 36 1.23 -0.14 19.79
N VAL C 37 2.48 0.25 20.04
CA VAL C 37 3.63 -0.49 19.54
C VAL C 37 3.67 -1.87 20.19
N ASP C 38 3.75 -2.91 19.36
CA ASP C 38 4.12 -4.24 19.81
C ASP C 38 5.58 -4.42 19.43
N PRO C 39 6.53 -4.27 20.35
CA PRO C 39 7.95 -4.26 19.96
C PRO C 39 8.40 -5.55 19.31
N GLN C 40 7.83 -6.70 19.71
CA GLN C 40 8.26 -7.95 19.10
C GLN C 40 7.79 -8.05 17.65
N LEU C 41 6.51 -7.79 17.39
CA LEU C 41 6.01 -7.90 16.03
C LEU C 41 6.69 -6.90 15.10
N LEU C 42 7.11 -5.75 15.61
CA LEU C 42 7.71 -4.74 14.74
C LEU C 42 9.21 -4.89 14.63
N GLY C 43 9.77 -5.88 15.29
CA GLY C 43 11.21 -6.07 15.24
C GLY C 43 11.98 -4.92 15.87
N ILE C 44 11.44 -4.34 16.93
CA ILE C 44 12.20 -3.34 17.69
C ILE C 44 12.10 -3.70 19.17
N PRO C 45 12.68 -4.83 19.58
CA PRO C 45 12.41 -5.38 20.93
C PRO C 45 12.90 -4.51 22.08
N ASP C 46 13.77 -3.53 21.84
CA ASP C 46 14.25 -2.65 22.91
C ASP C 46 13.29 -1.52 23.23
N TYR C 47 12.15 -1.44 22.54
CA TYR C 47 11.28 -0.27 22.64
C TYR C 47 10.96 0.10 24.09
N PHE C 48 10.51 -0.88 24.89
CA PHE C 48 10.14 -0.55 26.26
C PHE C 48 11.36 -0.31 27.16
N ASP C 49 12.57 -0.63 26.72
CA ASP C 49 13.74 -0.14 27.45
C ASP C 49 13.82 1.37 27.41
N ILE C 50 13.38 1.98 26.31
CA ILE C 50 13.48 3.41 26.12
C ILE C 50 12.21 4.14 26.54
N VAL C 51 11.06 3.60 26.14
CA VAL C 51 9.77 4.27 26.31
C VAL C 51 9.08 3.64 27.51
N LYS C 52 8.94 4.42 28.58
CA LYS C 52 8.35 3.95 29.82
C LYS C 52 6.87 4.27 29.94
N ASN C 53 6.37 5.25 29.20
CA ASN C 53 4.97 5.64 29.23
C ASN C 53 4.45 5.70 27.81
N PRO C 54 4.21 4.54 27.20
CA PRO C 54 3.72 4.52 25.82
C PRO C 54 2.34 5.14 25.69
N MET C 55 2.12 5.73 24.53
CA MET C 55 0.85 6.35 24.16
C MET C 55 0.71 6.29 22.64
N ASP C 56 -0.53 6.29 22.17
CA ASP C 56 -0.84 6.18 20.75
C ASP C 56 -2.27 6.67 20.54
N LEU C 57 -2.59 6.90 19.26
CA LEU C 57 -3.90 7.46 18.90
C LEU C 57 -5.06 6.60 19.42
N SER C 58 -4.96 5.26 19.30
CA SER C 58 -6.09 4.44 19.72
C SER C 58 -6.36 4.57 21.22
N THR C 59 -5.30 4.75 22.02
CA THR C 59 -5.49 4.89 23.46
C THR C 59 -6.10 6.24 23.80
N ILE C 60 -5.66 7.29 23.10
CA ILE C 60 -6.23 8.61 23.32
C ILE C 60 -7.69 8.62 22.91
N LYS C 61 -8.02 8.01 21.76
CA LYS C 61 -9.41 7.98 21.33
C LYS C 61 -10.29 7.28 22.34
N ARG C 62 -9.79 6.19 22.94
CA ARG C 62 -10.61 5.47 23.92
C ARG C 62 -10.82 6.30 25.17
N LYS C 63 -9.75 6.95 25.66
CA LYS C 63 -9.90 7.81 26.83
C LYS C 63 -10.86 8.95 26.52
N LEU C 64 -10.78 9.50 25.32
CA LEU C 64 -11.70 10.56 24.91
C LEU C 64 -13.14 10.03 24.84
N ASP C 65 -13.31 8.80 24.33
CA ASP C 65 -14.66 8.25 24.16
C ASP C 65 -15.31 7.90 25.49
N THR C 66 -14.53 7.37 26.42
CA THR C 66 -15.01 6.95 27.73
C THR C 66 -14.94 8.06 28.77
N GLY C 67 -14.62 9.29 28.37
CA GLY C 67 -14.59 10.42 29.29
C GLY C 67 -13.51 10.37 30.35
N GLN C 68 -12.32 9.89 30.01
CA GLN C 68 -11.25 9.82 31.00
C GLN C 68 -10.44 11.11 31.14
N TYR C 69 -10.65 12.11 30.28
CA TYR C 69 -9.98 13.40 30.39
C TYR C 69 -10.89 14.40 31.09
N GLN C 70 -10.44 14.92 32.23
CA GLN C 70 -11.24 15.87 33.00
C GLN C 70 -11.12 17.28 32.41
N GLU C 71 -9.90 17.70 32.11
CA GLU C 71 -9.57 19.03 31.60
C GLU C 71 -8.88 18.91 30.25
N PRO C 72 -8.97 19.95 29.42
CA PRO C 72 -8.37 19.84 28.07
C PRO C 72 -6.88 19.59 28.09
N TRP C 73 -6.17 20.02 29.14
CA TRP C 73 -4.72 19.87 29.16
C TRP C 73 -4.30 18.43 29.34
N GLN C 74 -5.13 17.60 29.97
CA GLN C 74 -4.77 16.20 30.11
C GLN C 74 -4.71 15.50 28.76
N TYR C 75 -5.56 15.93 27.83
CA TYR C 75 -5.55 15.38 26.48
C TYR C 75 -4.35 15.86 25.68
N VAL C 76 -4.07 17.18 25.71
CA VAL C 76 -2.90 17.68 25.02
C VAL C 76 -1.63 17.03 25.58
N ASP C 77 -1.59 16.78 26.90
CA ASP C 77 -0.46 16.06 27.47
C ASP C 77 -0.27 14.70 26.83
N ASP C 78 -1.37 13.97 26.60
CA ASP C 78 -1.26 12.63 26.04
C ASP C 78 -0.77 12.68 24.60
N VAL C 79 -1.28 13.63 23.82
CA VAL C 79 -0.80 13.80 22.46
C VAL C 79 0.71 14.05 22.46
N TRP C 80 1.20 14.92 23.37
CA TRP C 80 2.63 15.23 23.38
C TRP C 80 3.45 14.09 23.97
N LEU C 81 2.91 13.32 24.91
CA LEU C 81 3.58 12.10 25.33
C LEU C 81 3.83 11.19 24.14
N MET C 82 2.82 11.01 23.29
CA MET C 82 2.96 10.20 22.09
C MET C 82 4.06 10.76 21.19
N PHE C 83 4.01 12.07 20.94
CA PHE C 83 5.04 12.73 20.13
C PHE C 83 6.42 12.55 20.74
N ASN C 84 6.55 12.88 22.04
CA ASN C 84 7.85 12.83 22.69
C ASN C 84 8.43 11.42 22.69
N ASN C 85 7.59 10.41 22.94
CA ASN C 85 8.06 9.02 22.85
C ASN C 85 8.69 8.77 21.50
N ALA C 86 8.01 9.19 20.42
CA ALA C 86 8.47 8.88 19.07
C ALA C 86 9.77 9.63 18.75
N TRP C 87 9.87 10.88 19.20
CA TRP C 87 11.11 11.66 19.02
C TRP C 87 12.26 11.10 19.84
N LEU C 88 11.97 10.55 21.03
CA LEU C 88 13.01 9.92 21.83
C LEU C 88 13.47 8.61 21.22
N TYR C 89 12.54 7.78 20.74
CA TYR C 89 12.94 6.44 20.36
C TYR C 89 13.56 6.40 18.96
N ASN C 90 13.07 7.20 18.02
CA ASN C 90 13.48 7.12 16.63
C ASN C 90 14.53 8.16 16.29
N ARG C 91 15.48 7.78 15.42
CA ARG C 91 16.54 8.69 15.01
C ARG C 91 15.97 9.84 14.20
N LYS C 92 16.71 10.95 14.16
CA LYS C 92 16.25 12.17 13.51
C LYS C 92 16.11 12.03 12.00
N THR C 93 16.81 11.07 11.40
CA THR C 93 16.72 10.83 9.97
C THR C 93 15.60 9.87 9.59
N SER C 94 14.96 9.22 10.56
CA SER C 94 14.01 8.16 10.27
C SER C 94 12.69 8.74 9.79
N ARG C 95 11.88 7.90 9.13
CA ARG C 95 10.57 8.35 8.66
C ARG C 95 9.60 8.57 9.81
N VAL C 96 9.69 7.78 10.88
CA VAL C 96 8.76 7.96 12.00
C VAL C 96 9.03 9.28 12.73
N TYR C 97 10.31 9.60 12.96
CA TYR C 97 10.64 10.92 13.50
C TYR C 97 10.02 12.03 12.65
N LYS C 98 10.19 11.95 11.33
CA LYS C 98 9.63 12.95 10.44
C LYS C 98 8.11 12.89 10.44
N PHE C 99 7.53 11.69 10.38
CA PHE C 99 6.08 11.58 10.46
C PHE C 99 5.57 12.26 11.72
N CYS C 100 6.26 12.02 12.85
CA CYS C 100 5.86 12.63 14.13
C CYS C 100 5.89 14.15 14.06
N SER C 101 6.94 14.71 13.46
CA SER C 101 7.05 16.17 13.36
C SER C 101 5.90 16.74 12.54
N LYS C 102 5.55 16.07 11.44
CA LYS C 102 4.40 16.50 10.66
C LYS C 102 3.14 16.47 11.52
N LEU C 103 2.92 15.38 12.27
CA LEU C 103 1.73 15.28 13.11
C LEU C 103 1.73 16.37 14.18
N ALA C 104 2.89 16.61 14.80
CA ALA C 104 3.01 17.73 15.75
C ALA C 104 2.63 19.05 15.08
N GLU C 105 3.17 19.31 13.88
CA GLU C 105 2.80 20.52 13.15
C GLU C 105 1.29 20.61 12.98
N VAL C 106 0.68 19.53 12.46
CA VAL C 106 -0.77 19.48 12.27
C VAL C 106 -1.50 19.71 13.58
N PHE C 107 -1.01 19.10 14.67
CA PHE C 107 -1.73 19.19 15.93
C PHE C 107 -1.68 20.61 16.48
N GLU C 108 -0.51 21.26 16.42
CA GLU C 108 -0.42 22.62 16.94
C GLU C 108 -1.25 23.58 16.11
N GLN C 109 -1.30 23.38 14.78
CA GLN C 109 -2.19 24.17 13.95
C GLN C 109 -3.67 23.90 14.24
N GLU C 110 -3.99 22.72 14.78
CA GLU C 110 -5.37 22.33 15.03
C GLU C 110 -5.86 22.57 16.45
N ILE C 111 -4.96 22.57 17.43
CA ILE C 111 -5.39 22.63 18.82
C ILE C 111 -5.43 24.04 19.39
N ASP C 112 -4.64 24.96 18.84
CA ASP C 112 -4.60 26.30 19.44
C ASP C 112 -5.89 27.07 19.17
N PRO C 113 -6.43 27.11 17.95
CA PRO C 113 -7.82 27.61 17.80
C PRO C 113 -8.79 27.03 18.81
N VAL C 114 -8.61 25.75 19.17
CA VAL C 114 -9.46 25.12 20.18
C VAL C 114 -9.15 25.66 21.57
N MET C 115 -7.86 25.74 21.92
CA MET C 115 -7.50 26.20 23.25
C MET C 115 -7.80 27.69 23.43
N GLN C 116 -7.82 28.46 22.34
CA GLN C 116 -8.22 29.86 22.41
C GLN C 116 -9.72 29.99 22.65
N SER C 117 -10.48 28.93 22.39
CA SER C 117 -11.94 28.90 22.54
C SER C 117 -12.38 28.55 23.95
N LEU C 118 -11.49 28.61 24.94
CA LEU C 118 -11.81 28.21 26.31
C LEU C 118 -10.65 28.48 27.25
N ILE D 6 -7.20 -31.27 -40.69
CA ILE D 6 -6.56 -32.49 -40.20
C ILE D 6 -5.17 -32.21 -39.60
N PHE D 7 -5.16 -31.53 -38.45
CA PHE D 7 -3.92 -31.13 -37.80
C PHE D 7 -3.45 -32.19 -36.79
N LYS D 8 -2.33 -31.90 -36.13
CA LYS D 8 -1.78 -32.73 -35.06
C LYS D 8 -1.22 -31.80 -33.99
N PRO D 9 -1.49 -32.08 -32.71
CA PRO D 9 -1.06 -31.13 -31.65
C PRO D 9 0.42 -30.84 -31.62
N GLU D 10 1.29 -31.82 -31.93
CA GLU D 10 2.72 -31.55 -31.98
C GLU D 10 3.14 -30.91 -33.30
N GLU D 11 2.37 -31.13 -34.37
CA GLU D 11 2.59 -30.35 -35.60
C GLU D 11 2.14 -28.91 -35.40
N LEU D 12 0.97 -28.72 -34.78
CA LEU D 12 0.47 -27.38 -34.52
C LEU D 12 1.42 -26.61 -33.61
N ARG D 13 1.84 -27.24 -32.50
CA ARG D 13 2.71 -26.55 -31.55
C ARG D 13 4.04 -26.18 -32.21
N GLN D 14 4.62 -27.09 -32.97
CA GLN D 14 5.91 -26.81 -33.60
C GLN D 14 5.80 -25.69 -34.62
N ALA D 15 4.68 -25.63 -35.35
CA ALA D 15 4.49 -24.57 -36.32
C ALA D 15 4.25 -23.21 -35.65
N LEU D 16 3.52 -23.20 -34.54
CA LEU D 16 3.05 -21.95 -33.95
C LEU D 16 3.99 -21.41 -32.88
N MET D 17 4.58 -22.27 -32.07
CA MET D 17 5.47 -21.84 -30.99
C MET D 17 6.52 -20.80 -31.42
N PRO D 18 7.13 -20.89 -32.61
CA PRO D 18 8.04 -19.81 -33.03
C PRO D 18 7.38 -18.43 -33.00
N THR D 19 6.12 -18.33 -33.41
CA THR D 19 5.45 -17.02 -33.40
C THR D 19 5.30 -16.50 -31.98
N LEU D 20 4.96 -17.38 -31.03
CA LEU D 20 4.91 -16.98 -29.64
C LEU D 20 6.28 -16.58 -29.12
N GLU D 21 7.31 -17.36 -29.45
CA GLU D 21 8.66 -17.04 -28.98
C GLU D 21 9.16 -15.73 -29.55
N ALA D 22 8.73 -15.36 -30.75
CA ALA D 22 9.10 -14.07 -31.32
C ALA D 22 8.56 -12.91 -30.49
N LEU D 23 7.33 -13.03 -29.98
CA LEU D 23 6.77 -11.97 -29.15
C LEU D 23 7.54 -11.83 -27.84
N TYR D 24 7.89 -12.96 -27.21
CA TYR D 24 8.71 -12.94 -26.01
C TYR D 24 10.03 -12.22 -26.23
N ARG D 25 10.61 -12.36 -27.42
CA ARG D 25 11.91 -11.76 -27.69
C ARG D 25 11.88 -10.24 -27.53
N GLN D 26 10.72 -9.62 -27.74
CA GLN D 26 10.64 -8.17 -27.73
C GLN D 26 10.88 -7.64 -26.33
N ASP D 27 12.04 -7.01 -26.14
CA ASP D 27 12.40 -6.39 -24.89
C ASP D 27 12.61 -4.89 -25.14
N PRO D 28 11.94 -4.00 -24.39
CA PRO D 28 11.05 -4.26 -23.25
C PRO D 28 9.57 -4.37 -23.58
N GLU D 29 9.21 -4.51 -24.86
CA GLU D 29 7.80 -4.39 -25.23
C GLU D 29 6.95 -5.52 -24.66
N SER D 30 7.51 -6.73 -24.51
CA SER D 30 6.71 -7.87 -24.08
C SER D 30 6.56 -7.97 -22.56
N LEU D 31 7.28 -7.15 -21.80
CA LEU D 31 7.30 -7.29 -20.34
C LEU D 31 5.93 -7.16 -19.69
N PRO D 32 5.08 -6.17 -20.01
CA PRO D 32 3.75 -6.11 -19.40
C PRO D 32 2.85 -7.29 -19.77
N PHE D 33 3.26 -8.12 -20.73
CA PHE D 33 2.43 -9.18 -21.26
C PHE D 33 2.91 -10.58 -20.88
N ARG D 34 4.02 -10.68 -20.15
CA ARG D 34 4.60 -11.98 -19.84
C ARG D 34 3.89 -12.70 -18.71
N GLN D 35 3.03 -12.02 -17.97
CA GLN D 35 2.29 -12.62 -16.86
C GLN D 35 0.89 -12.02 -16.87
N PRO D 36 -0.07 -12.72 -16.28
CA PRO D 36 -1.43 -12.17 -16.23
C PRO D 36 -1.47 -10.84 -15.50
N VAL D 37 -2.37 -9.96 -15.94
CA VAL D 37 -2.51 -8.68 -15.28
C VAL D 37 -2.98 -8.90 -13.85
N ASP D 38 -2.21 -8.35 -12.89
CA ASP D 38 -2.61 -8.34 -11.48
C ASP D 38 -3.11 -6.95 -11.11
N PRO D 39 -4.42 -6.73 -11.04
CA PRO D 39 -4.91 -5.37 -10.79
C PRO D 39 -4.45 -4.80 -9.46
N GLN D 40 -4.20 -5.66 -8.46
CA GLN D 40 -3.77 -5.16 -7.16
C GLN D 40 -2.31 -4.68 -7.22
N LEU D 41 -1.44 -5.52 -7.77
CA LEU D 41 -0.05 -5.14 -8.03
C LEU D 41 0.05 -3.82 -8.79
N LEU D 42 -0.69 -3.71 -9.88
CA LEU D 42 -0.59 -2.56 -10.78
C LEU D 42 -1.43 -1.36 -10.33
N GLY D 43 -2.22 -1.51 -9.28
CA GLY D 43 -3.01 -0.37 -8.80
C GLY D 43 -4.18 0.01 -9.69
N ILE D 44 -4.79 -0.94 -10.37
CA ILE D 44 -5.85 -0.64 -11.35
C ILE D 44 -7.07 -1.50 -11.03
N PRO D 45 -7.74 -1.27 -9.90
CA PRO D 45 -8.79 -2.20 -9.46
C PRO D 45 -9.96 -2.31 -10.41
N ASP D 46 -10.15 -1.36 -11.33
CA ASP D 46 -11.24 -1.46 -12.28
C ASP D 46 -10.90 -2.37 -13.45
N TYR D 47 -9.75 -3.05 -13.43
CA TYR D 47 -9.31 -3.79 -14.61
C TYR D 47 -10.33 -4.85 -15.04
N PHE D 48 -10.70 -5.77 -14.14
CA PHE D 48 -11.63 -6.84 -14.50
C PHE D 48 -13.04 -6.33 -14.75
N ASP D 49 -13.37 -5.09 -14.36
CA ASP D 49 -14.62 -4.49 -14.81
C ASP D 49 -14.61 -4.26 -16.31
N ILE D 50 -13.46 -3.89 -16.86
CA ILE D 50 -13.33 -3.55 -18.28
C ILE D 50 -12.99 -4.76 -19.12
N VAL D 51 -12.11 -5.61 -18.60
CA VAL D 51 -11.55 -6.73 -19.33
C VAL D 51 -12.22 -7.99 -18.80
N LYS D 52 -13.14 -8.56 -19.57
CA LYS D 52 -13.89 -9.71 -19.10
C LYS D 52 -13.16 -11.03 -19.33
N ASN D 53 -12.31 -11.13 -20.35
CA ASN D 53 -11.56 -12.35 -20.63
C ASN D 53 -10.06 -12.05 -20.67
N PRO D 54 -9.38 -12.10 -19.53
CA PRO D 54 -7.93 -11.87 -19.53
C PRO D 54 -7.20 -12.91 -20.35
N MET D 55 -6.09 -12.48 -20.94
CA MET D 55 -5.18 -13.33 -21.68
C MET D 55 -3.81 -12.69 -21.62
N ASP D 56 -2.76 -13.52 -21.63
CA ASP D 56 -1.40 -13.03 -21.61
C ASP D 56 -0.49 -14.12 -22.18
N LEU D 57 0.79 -13.76 -22.37
CA LEU D 57 1.73 -14.68 -23.02
C LEU D 57 1.93 -15.98 -22.23
N SER D 58 1.97 -15.90 -20.89
CA SER D 58 2.22 -17.12 -20.13
C SER D 58 1.06 -18.10 -20.28
N THR D 59 -0.18 -17.57 -20.37
CA THR D 59 -1.34 -18.44 -20.53
C THR D 59 -1.37 -19.08 -21.91
N ILE D 60 -1.08 -18.30 -22.95
CA ILE D 60 -1.06 -18.87 -24.29
C ILE D 60 0.02 -19.95 -24.40
N LYS D 61 1.18 -19.69 -23.81
CA LYS D 61 2.25 -20.67 -23.82
C LYS D 61 1.81 -21.96 -23.14
N ARG D 62 1.19 -21.86 -21.97
CA ARG D 62 0.73 -23.05 -21.26
C ARG D 62 -0.32 -23.80 -22.07
N LYS D 63 -1.22 -23.08 -22.76
CA LYS D 63 -2.23 -23.74 -23.58
C LYS D 63 -1.61 -24.40 -24.80
N LEU D 64 -0.57 -23.78 -25.36
CA LEU D 64 0.09 -24.36 -26.52
C LEU D 64 0.90 -25.59 -26.11
N ASP D 65 1.62 -25.51 -24.99
CA ASP D 65 2.47 -26.62 -24.56
C ASP D 65 1.64 -27.83 -24.18
N THR D 66 0.47 -27.61 -23.59
CA THR D 66 -0.37 -28.69 -23.11
C THR D 66 -1.42 -29.13 -24.13
N GLY D 67 -1.33 -28.66 -25.37
CA GLY D 67 -2.19 -29.14 -26.44
C GLY D 67 -3.61 -28.67 -26.39
N GLN D 68 -3.88 -27.47 -25.85
CA GLN D 68 -5.26 -27.01 -25.74
C GLN D 68 -5.77 -26.39 -27.04
N TYR D 69 -4.90 -26.02 -27.96
CA TYR D 69 -5.32 -25.46 -29.25
C TYR D 69 -5.45 -26.59 -30.25
N GLN D 70 -6.70 -26.94 -30.59
CA GLN D 70 -6.95 -27.99 -31.57
C GLN D 70 -6.73 -27.52 -33.01
N GLU D 71 -7.16 -26.30 -33.32
CA GLU D 71 -6.99 -25.73 -34.64
C GLU D 71 -6.24 -24.41 -34.53
N PRO D 72 -5.52 -23.99 -35.58
CA PRO D 72 -4.61 -22.83 -35.42
C PRO D 72 -5.35 -21.52 -35.20
N TRP D 73 -6.58 -21.39 -35.69
CA TRP D 73 -7.34 -20.16 -35.45
C TRP D 73 -7.56 -19.92 -33.97
N GLN D 74 -7.59 -20.98 -33.16
CA GLN D 74 -7.83 -20.82 -31.72
C GLN D 74 -6.66 -20.14 -31.04
N TYR D 75 -5.43 -20.50 -31.45
CA TYR D 75 -4.25 -19.80 -30.94
C TYR D 75 -4.26 -18.35 -31.37
N VAL D 76 -4.54 -18.10 -32.65
CA VAL D 76 -4.56 -16.74 -33.17
C VAL D 76 -5.58 -15.90 -32.40
N ASP D 77 -6.73 -16.51 -32.10
CA ASP D 77 -7.77 -15.78 -31.37
C ASP D 77 -7.29 -15.37 -29.98
N ASP D 78 -6.52 -16.23 -29.33
CA ASP D 78 -6.03 -15.92 -27.99
C ASP D 78 -5.01 -14.78 -28.03
N VAL D 79 -4.12 -14.81 -29.02
CA VAL D 79 -3.13 -13.76 -29.15
C VAL D 79 -3.81 -12.41 -29.41
N TRP D 80 -4.82 -12.39 -30.29
CA TRP D 80 -5.50 -11.13 -30.54
C TRP D 80 -6.30 -10.68 -29.33
N LEU D 81 -6.87 -11.63 -28.57
CA LEU D 81 -7.57 -11.27 -27.34
C LEU D 81 -6.65 -10.53 -26.39
N MET D 82 -5.41 -11.02 -26.26
CA MET D 82 -4.43 -10.36 -25.40
C MET D 82 -4.19 -8.93 -25.85
N PHE D 83 -3.97 -8.72 -27.15
CA PHE D 83 -3.74 -7.36 -27.64
C PHE D 83 -4.98 -6.50 -27.49
N ASN D 84 -6.15 -7.07 -27.79
CA ASN D 84 -7.38 -6.30 -27.74
C ASN D 84 -7.68 -5.83 -26.33
N ASN D 85 -7.47 -6.68 -25.33
CA ASN D 85 -7.64 -6.26 -23.94
C ASN D 85 -6.77 -5.07 -23.63
N ALA D 86 -5.51 -5.12 -24.05
CA ALA D 86 -4.57 -4.03 -23.77
C ALA D 86 -4.98 -2.76 -24.49
N TRP D 87 -5.32 -2.86 -25.79
CA TRP D 87 -5.80 -1.67 -26.50
C TRP D 87 -7.11 -1.17 -25.93
N LEU D 88 -7.93 -2.06 -25.38
CA LEU D 88 -9.19 -1.62 -24.79
C LEU D 88 -8.96 -0.90 -23.47
N TYR D 89 -8.08 -1.44 -22.62
CA TYR D 89 -7.96 -0.92 -21.26
C TYR D 89 -7.05 0.30 -21.16
N ASN D 90 -5.92 0.29 -21.86
CA ASN D 90 -4.93 1.33 -21.67
C ASN D 90 -5.20 2.52 -22.58
N ARG D 91 -4.83 3.70 -22.08
CA ARG D 91 -5.00 4.92 -22.85
C ARG D 91 -4.11 4.89 -24.09
N LYS D 92 -4.59 5.53 -25.16
CA LYS D 92 -3.87 5.52 -26.42
C LYS D 92 -2.48 6.14 -26.29
N THR D 93 -2.29 7.00 -25.29
CA THR D 93 -1.08 7.76 -25.06
C THR D 93 -0.13 7.09 -24.10
N SER D 94 -0.41 5.86 -23.65
CA SER D 94 0.38 5.22 -22.61
C SER D 94 1.48 4.32 -23.19
N ARG D 95 2.44 3.99 -22.34
CA ARG D 95 3.53 3.09 -22.72
C ARG D 95 3.04 1.68 -23.06
N VAL D 96 2.11 1.15 -22.26
CA VAL D 96 1.61 -0.21 -22.50
C VAL D 96 0.92 -0.28 -23.86
N TYR D 97 0.20 0.77 -24.22
CA TYR D 97 -0.47 0.80 -25.51
C TYR D 97 0.55 0.78 -26.64
N LYS D 98 1.58 1.61 -26.54
CA LYS D 98 2.64 1.60 -27.54
C LYS D 98 3.28 0.23 -27.62
N PHE D 99 3.59 -0.36 -26.46
CA PHE D 99 4.17 -1.70 -26.47
C PHE D 99 3.23 -2.70 -27.14
N CYS D 100 1.92 -2.56 -26.89
CA CYS D 100 0.96 -3.49 -27.48
C CYS D 100 0.92 -3.36 -29.00
N SER D 101 0.98 -2.13 -29.51
CA SER D 101 0.91 -1.95 -30.96
C SER D 101 2.16 -2.50 -31.63
N LYS D 102 3.33 -2.32 -31.01
CA LYS D 102 4.56 -2.89 -31.56
C LYS D 102 4.52 -4.40 -31.53
N LEU D 103 4.15 -4.99 -30.39
CA LEU D 103 4.04 -6.44 -30.32
C LEU D 103 3.08 -6.97 -31.38
N ALA D 104 1.92 -6.32 -31.53
CA ALA D 104 0.95 -6.78 -32.51
C ALA D 104 1.49 -6.69 -33.93
N GLU D 105 2.35 -5.70 -34.21
CA GLU D 105 3.00 -5.62 -35.51
C GLU D 105 3.93 -6.81 -35.72
N VAL D 106 4.73 -7.14 -34.70
CA VAL D 106 5.60 -8.32 -34.77
C VAL D 106 4.79 -9.57 -35.05
N PHE D 107 3.62 -9.71 -34.40
CA PHE D 107 2.81 -10.91 -34.57
C PHE D 107 2.16 -10.98 -35.94
N GLU D 108 1.75 -9.83 -36.49
CA GLU D 108 1.16 -9.84 -37.83
C GLU D 108 2.19 -10.26 -38.87
N GLN D 109 3.43 -9.81 -38.71
CA GLN D 109 4.47 -10.18 -39.66
C GLN D 109 4.79 -11.67 -39.56
N GLU D 110 4.77 -12.23 -38.34
CA GLU D 110 5.19 -13.62 -38.16
C GLU D 110 4.07 -14.61 -38.47
N ILE D 111 2.82 -14.28 -38.11
CA ILE D 111 1.78 -15.30 -38.14
C ILE D 111 1.34 -15.64 -39.54
N ASP D 112 1.48 -14.71 -40.50
CA ASP D 112 0.85 -14.94 -41.80
C ASP D 112 1.56 -16.05 -42.59
N PRO D 113 2.89 -16.09 -42.70
CA PRO D 113 3.52 -17.27 -43.32
C PRO D 113 3.11 -18.58 -42.70
N VAL D 114 3.08 -18.64 -41.36
CA VAL D 114 2.75 -19.88 -40.66
C VAL D 114 1.35 -20.36 -41.02
N MET D 115 0.38 -19.44 -41.09
CA MET D 115 -1.00 -19.84 -41.38
C MET D 115 -1.15 -20.32 -42.81
N GLN D 116 -0.47 -19.65 -43.76
CA GLN D 116 -0.56 -20.06 -45.16
C GLN D 116 -0.08 -21.50 -45.33
N SER D 117 1.03 -21.85 -44.67
CA SER D 117 1.55 -23.21 -44.79
C SER D 117 0.62 -24.23 -44.13
N LEU D 118 -0.08 -23.85 -43.08
CA LEU D 118 -1.00 -24.74 -42.39
C LEU D 118 -2.32 -24.92 -43.13
N GLY D 119 -2.42 -24.43 -44.36
CA GLY D 119 -3.67 -24.47 -45.12
C GLY D 119 -4.19 -25.87 -45.41
CAA E3T E . 1.15 2.51 -12.59
CAB E3T E . 6.93 6.63 -8.43
CAC E3T E . 9.28 -1.23 -12.13
CAD E3T E . 4.22 -0.86 -12.91
CAG E3T E . 11.41 4.26 -17.45
CAH E3T E . 10.78 5.37 -17.87
CAI E3T E . 10.72 3.73 -16.43
CAJ E3T E . 3.57 5.35 -9.74
CAK E3T E . 3.06 4.43 -10.64
CAL E3T E . 7.11 3.58 -12.93
CAM E3T E . 7.81 1.35 -13.51
CAN E3T E . 6.06 1.64 -11.94
CAO E3T E . 5.83 4.77 -10.40
CAP E3T E . 2.38 2.00 -11.85
CAV E3T E . 5.41 6.45 -8.66
CAW E3T E . 8.71 4.27 -15.29
CAX E3T E . 7.95 2.73 -13.66
CAY E3T E . 4.95 5.53 -9.61
CAZ E3T E . 7.78 -1.49 -12.34
CBA E3T E . 6.15 3.03 -12.08
CBB E3T E . 6.88 0.76 -12.65
CBC E3T E . 5.65 -1.33 -12.67
CBD E3T E . 9.65 4.49 -16.21
CBE E3T E . 3.93 3.67 -11.42
CBF E3T E . 5.31 3.83 -11.31
CBG E3T E . 6.78 -0.60 -12.54
NAQ E3T E . 7.31 -2.75 -12.31
NAR E3T E . 8.88 3.14 -14.53
OAE E3T E . 4.60 7.07 -7.96
OAF E3T E . 7.74 5.04 -15.24
OAS E3T E . 3.51 2.75 -12.33
OAT E3T E . 9.64 5.53 -17.07
OAU E3T E . 5.93 -2.66 -12.53
CAA E3T F . 4.12 -11.21 11.07
CAB E3T F . -3.69 -10.82 9.19
CAC E3T F . 1.69 -5.32 14.86
CAD E3T F . -2.03 -6.17 11.37
CAG E3T F . 0.15 -10.63 20.49
CAH E3T F . 0.34 -11.96 20.42
CAI E3T F . 0.09 -10.12 19.26
CAJ E3T F . -0.29 -12.54 9.50
CAK E3T F . 0.85 -12.50 10.29
CAL E3T F . -0.01 -10.33 14.12
CAM E3T F . -0.06 -8.05 14.87
CAN E3T F . -0.14 -8.53 12.54
CAO E3T F . -1.28 -10.81 10.87
CAP E3T F . 3.19 -12.25 11.71
CAV E3T F . -2.52 -11.80 8.94
CAW E3T F . 0.21 -11.00 17.03
CAX E3T F . 0.00 -9.40 15.19
CAY E3T F . -1.37 -11.70 9.77
CAZ E3T F . 0.58 -5.25 13.78
CBA E3T F . -0.09 -9.89 12.79
CBB E3T F . -0.14 -7.56 13.56
CBC E3T F . -0.96 -5.62 12.33
CBD E3T F . 0.24 -11.11 18.37
CBE E3T F . 0.93 -11.63 11.38
CBF E3T F . -0.13 -10.78 11.69
CBG E3T F . -0.18 -6.24 13.25
NAQ E3T F . 0.28 -4.09 13.21
NAR E3T F . 0.07 -9.73 16.51
OAE E3T F . -2.64 -12.70 8.11
OAF E3T F . 0.28 -12.04 16.38
OAS E3T F . 2.02 -11.57 12.19
OAT E3T F . 0.40 -12.29 19.06
OAU E3T F . -0.65 -4.29 12.32
CAA E3T G . 9.95 -0.60 12.95
CAB E3T G . 5.52 4.64 17.31
CAC E3T G . 2.27 0.88 15.78
CAD E3T G . 2.10 -1.56 11.24
CAG E3T G . 3.73 3.65 5.78
CAH E3T G . 4.88 4.30 5.63
CAI E3T G . 3.64 3.16 7.01
CAJ E3T G . 8.66 3.21 15.74
CAK E3T G . 8.99 2.41 14.65
CAL E3T G . 5.50 2.46 11.74
CAM E3T G . 3.43 1.28 11.48
CAN E3T G . 4.60 1.17 13.57
CAO E3T G . 6.34 3.15 15.03
CAP E3T G . 8.51 -0.13 13.15
CAV E3T G . 7.01 4.40 17.04
CAW E3T G . 5.09 3.24 8.90
CAX E3T G . 4.41 2.09 10.92
CAY E3T G . 7.33 3.59 15.93
CAZ E3T G . 2.00 -0.02 14.56
CBA E3T G . 5.60 1.99 13.07
CBB E3T G . 3.50 0.79 12.80
CBC E3T G . 1.92 -1.03 12.68
CBD E3T G . 4.76 3.52 7.63
CBE E3T G . 8.00 2.00 13.75
CBF E3T G . 6.66 2.37 13.93
CBG E3T G . 2.53 -0.02 13.33
NAQ E3T G . 1.10 -0.99 14.66
NAR E3T G . 4.20 2.48 9.62
OAE E3T G . 7.89 4.94 17.72
OAF E3T G . 6.19 3.64 9.29
OAS E3T G . 8.31 1.22 12.68
OAT E3T G . 5.55 4.24 6.78
OAU E3T G . 1.07 -1.59 13.50
CAA E3T H . -0.37 0.74 -15.07
CAB E3T H . -1.04 -5.63 -20.08
CAC E3T H . 7.36 -2.85 -18.36
CAD E3T H . 4.44 0.61 -15.95
CAG E3T H . 6.25 -8.79 -13.50
CAH E3T H . 5.24 -9.10 -12.67
CAI E3T H . 5.86 -7.77 -14.27
CAJ E3T H . -1.74 -2.56 -17.96
CAK E3T H . -1.06 -1.70 -17.11
CAL E3T H . 2.69 -4.42 -16.30
CAM E3T H . 4.98 -3.57 -16.21
CAN E3T H . 3.27 -2.21 -17.17
CAO E3T H . 0.28 -3.89 -18.13
CAP E3T H . 0.64 0.30 -16.11
CAV E3T H . -1.80 -4.49 -19.35
CAW E3T H . 3.87 -6.46 -14.46
CAX E3T H . 4.05 -4.59 -15.94
CAY E3T H . -1.06 -3.67 -18.47
CAZ E3T H . 6.77 -1.57 -17.72
CBA E3T H . 2.31 -3.22 -16.92
CBB E3T H . 4.63 -2.37 -16.83
CBC E3T H . 5.54 -0.12 -16.70
CBD E3T H . 4.62 -7.46 -13.93
CBE E3T H . 0.27 -1.91 -16.77
CBF E3T H . 0.96 -3.01 -17.28
CBG E3T H . 5.58 -1.42 -17.07
NAQ E3T H . 7.44 -0.43 -17.77
NAR E3T H . 4.56 -5.67 -15.34
OAE E3T H . -2.97 -4.21 -19.63
OAF E3T H . 2.70 -6.32 -14.12
OAS E3T H . 0.97 -1.08 -15.92
OAT E3T H . 4.19 -8.27 -12.92
OAU E3T H . 6.69 0.53 -17.13
#